data_3ORY
#
_entry.id   3ORY
#
_cell.length_a   103.760
_cell.length_b   103.760
_cell.length_c   84.580
_cell.angle_alpha   90.00
_cell.angle_beta   90.00
_cell.angle_gamma   120.00
#
_symmetry.space_group_name_H-M   'P 3 2 1'
#
loop_
_entity.id
_entity.type
_entity.pdbx_description
1 polymer 'flap endonuclease 1'
2 non-polymer 'PHOSPHATE ION'
3 water water
#
_entity_poly.entity_id   1
_entity_poly.type   'polypeptide(L)'
_entity_poly.pdbx_seq_one_letter_code
;MYIDQHNGVDMGVDLKDIIPGEAKTVIEDLRILHGKIIVIDGYNALYQFLAAIRQPDGTPLMDNNGRITSHLSGLFYRTI
NIVEAGIKPVYVFDGKPPELKAREIERRKAVKEEAAKKYEEAVQSGDLELARRYAMMSAKLTEEMVRDAKSLLDAMGIPW
VQAPAEGEAQAAYIVKKGDAYASASQDYDSLLFGSPKLVRNLTISGRRKLPRKNEYVEVKPELIELDKLLVQLGITLENL
IDIGILLGTDYNPDGFEGIGPKKALQLVKAYGGIEKIPKPILKSPIEVDVIAIKKYFLQPQVTDNYRIEWHTPDPDAVKR
ILVDEHDFSIDRVSTALERYVKAFKENIRGEQKGLSKWFSKPK
;
_entity_poly.pdbx_strand_id   A
#
loop_
_chem_comp.id
_chem_comp.type
_chem_comp.name
_chem_comp.formula
PO4 non-polymer 'PHOSPHATE ION' 'O4 P -3'
#
# COMPACT_ATOMS: atom_id res chain seq x y z
N GLY A 8 -6.59 -6.08 2.78
CA GLY A 8 -5.16 -6.29 2.38
C GLY A 8 -4.28 -6.31 3.62
N VAL A 9 -2.98 -6.07 3.44
CA VAL A 9 -2.01 -6.16 4.56
C VAL A 9 -1.49 -4.80 5.02
N ASP A 10 -1.35 -4.64 6.34
CA ASP A 10 -0.86 -3.39 6.90
C ASP A 10 0.66 -3.40 6.95
N MET A 11 1.28 -2.55 6.14
CA MET A 11 2.74 -2.48 6.05
C MET A 11 3.29 -1.15 6.58
N GLY A 12 2.46 -0.41 7.31
CA GLY A 12 2.87 0.93 7.74
C GLY A 12 2.15 1.38 8.98
N VAL A 13 1.47 2.52 8.87
CA VAL A 13 0.67 3.06 9.95
C VAL A 13 -0.79 2.81 9.60
N ASP A 14 -1.45 1.95 10.36
CA ASP A 14 -2.84 1.60 10.08
C ASP A 14 -3.78 2.33 11.06
N LEU A 15 -4.60 3.24 10.52
CA LEU A 15 -5.52 4.05 11.32
C LEU A 15 -6.97 3.68 11.06
N LYS A 16 -7.18 2.57 10.36
CA LYS A 16 -8.51 2.16 9.90
C LYS A 16 -9.63 2.36 10.93
N ASP A 17 -9.44 1.90 12.16
CA ASP A 17 -10.57 1.97 13.08
C ASP A 17 -10.70 3.26 13.88
N ILE A 18 -9.86 4.26 13.59
CA ILE A 18 -10.12 5.61 14.14
C ILE A 18 -10.64 6.60 13.09
N ILE A 19 -10.70 6.19 11.82
CA ILE A 19 -11.25 7.08 10.79
C ILE A 19 -12.77 7.22 10.94
N PRO A 20 -13.27 8.43 11.23
CA PRO A 20 -14.73 8.59 11.34
C PRO A 20 -15.41 8.56 9.97
N GLY A 21 -16.68 8.15 9.97
CA GLY A 21 -17.50 8.06 8.75
C GLY A 21 -17.53 9.33 7.92
N GLU A 22 -17.59 10.48 8.57
CA GLU A 22 -17.64 11.77 7.87
C GLU A 22 -16.36 12.11 7.10
N ALA A 23 -15.27 11.42 7.43
CA ALA A 23 -13.96 11.69 6.83
C ALA A 23 -13.64 10.81 5.60
N LYS A 24 -14.41 9.75 5.40
CA LYS A 24 -14.21 8.87 4.25
C LYS A 24 -15.41 8.87 3.31
N THR A 25 -15.12 8.81 2.01
CA THR A 25 -16.16 8.71 1.00
C THR A 25 -15.95 7.41 0.24
N VAL A 26 -16.96 6.54 0.26
CA VAL A 26 -16.94 5.31 -0.52
C VAL A 26 -17.02 5.66 -2.02
N ILE A 27 -16.09 5.13 -2.80
CA ILE A 27 -16.10 5.31 -4.25
C ILE A 27 -16.75 4.05 -4.81
N GLU A 28 -17.89 4.20 -5.49
CA GLU A 28 -18.69 3.05 -5.92
C GLU A 28 -17.94 2.10 -6.84
N ASP A 29 -17.20 2.64 -7.79
CA ASP A 29 -16.22 1.88 -8.58
C ASP A 29 -15.10 2.77 -9.10
N LEU A 30 -14.06 2.16 -9.65
CA LEU A 30 -12.91 2.87 -10.20
C LEU A 30 -13.26 4.01 -11.16
N ARG A 31 -14.31 3.82 -11.97
CA ARG A 31 -14.66 4.76 -13.05
C ARG A 31 -15.01 6.18 -12.56
N ILE A 32 -15.54 6.28 -11.34
CA ILE A 32 -15.82 7.60 -10.75
C ILE A 32 -14.57 8.53 -10.77
N LEU A 33 -13.38 7.93 -10.67
CA LEU A 33 -12.12 8.68 -10.68
C LEU A 33 -11.54 8.91 -12.08
N HIS A 34 -12.34 8.65 -13.12
CA HIS A 34 -11.89 8.77 -14.51
C HIS A 34 -11.23 10.12 -14.75
N GLY A 35 -10.11 10.11 -15.45
CA GLY A 35 -9.37 11.34 -15.75
C GLY A 35 -8.43 11.84 -14.67
N LYS A 36 -8.52 11.27 -13.46
CA LYS A 36 -7.65 11.71 -12.35
C LYS A 36 -6.28 11.05 -12.38
N ILE A 37 -5.27 11.80 -11.96
CA ILE A 37 -3.92 11.26 -11.77
C ILE A 37 -3.83 10.75 -10.34
N ILE A 38 -3.49 9.48 -10.18
CA ILE A 38 -3.36 8.88 -8.86
C ILE A 38 -1.92 8.42 -8.65
N VAL A 39 -1.30 8.89 -7.58
CA VAL A 39 0.07 8.47 -7.30
C VAL A 39 0.09 7.30 -6.32
N ILE A 40 0.54 6.15 -6.80
CA ILE A 40 0.43 4.90 -6.06
C ILE A 40 1.76 4.53 -5.42
N ASP A 41 1.76 4.41 -4.10
CA ASP A 41 2.98 4.01 -3.42
C ASP A 41 3.38 2.63 -3.91
N GLY A 42 4.61 2.55 -4.40
CA GLY A 42 5.12 1.35 -5.06
C GLY A 42 5.26 0.14 -4.14
N TYR A 43 5.99 0.29 -3.04
CA TYR A 43 6.21 -0.85 -2.13
C TYR A 43 4.90 -1.36 -1.56
N ASN A 44 4.00 -0.45 -1.17
CA ASN A 44 2.74 -0.89 -0.58
C ASN A 44 1.92 -1.70 -1.57
N ALA A 45 1.85 -1.22 -2.82
CA ALA A 45 1.14 -1.96 -3.86
C ALA A 45 1.75 -3.34 -4.08
N LEU A 46 3.08 -3.42 -4.14
CA LEU A 46 3.72 -4.71 -4.38
C LEU A 46 3.46 -5.68 -3.24
N TYR A 47 3.45 -5.17 -2.01
CA TYR A 47 3.08 -5.97 -0.85
C TYR A 47 1.63 -6.46 -0.91
N GLN A 48 0.72 -5.60 -1.37
CA GLN A 48 -0.69 -6.01 -1.54
C GLN A 48 -0.81 -7.17 -2.55
N PHE A 49 -0.12 -7.05 -3.67
CA PHE A 49 -0.13 -8.09 -4.71
C PHE A 49 0.49 -9.39 -4.21
N LEU A 50 1.57 -9.28 -3.45
CA LEU A 50 2.21 -10.44 -2.85
C LEU A 50 1.27 -11.23 -1.95
N ALA A 51 0.43 -10.51 -1.20
CA ALA A 51 -0.51 -11.13 -0.29
C ALA A 51 -1.81 -11.59 -0.96
N ALA A 52 -2.28 -10.83 -1.94
CA ALA A 52 -3.64 -11.06 -2.51
C ALA A 52 -3.67 -12.01 -3.71
N ILE A 53 -2.56 -12.07 -4.44
CA ILE A 53 -2.53 -12.87 -5.65
C ILE A 53 -1.84 -14.22 -5.38
N ARG A 54 -2.65 -15.27 -5.36
CA ARG A 54 -2.23 -16.60 -4.91
C ARG A 54 -2.84 -17.70 -5.78
N GLN A 55 -2.19 -18.85 -5.80
CA GLN A 55 -2.74 -20.07 -6.39
C GLN A 55 -3.98 -20.46 -5.56
N PRO A 56 -4.85 -21.35 -6.10
CA PRO A 56 -6.07 -21.67 -5.34
C PRO A 56 -5.83 -22.10 -3.88
N ASP A 57 -4.75 -22.84 -3.63
CA ASP A 57 -4.45 -23.33 -2.27
C ASP A 57 -3.80 -22.31 -1.31
N GLY A 58 -3.41 -21.15 -1.85
CA GLY A 58 -2.85 -20.07 -1.02
C GLY A 58 -1.36 -19.84 -1.21
N THR A 59 -0.73 -20.71 -2.00
CA THR A 59 0.67 -20.58 -2.38
C THR A 59 0.83 -19.40 -3.36
N PRO A 60 1.96 -18.66 -3.27
CA PRO A 60 2.23 -17.58 -4.23
C PRO A 60 2.38 -18.09 -5.66
N LEU A 61 2.12 -17.22 -6.63
CA LEU A 61 2.41 -17.52 -8.02
C LEU A 61 3.92 -17.62 -8.19
N MET A 62 4.35 -18.57 -9.00
CA MET A 62 5.76 -18.83 -9.20
C MET A 62 6.06 -19.17 -10.66
N ASP A 63 7.25 -18.80 -11.13
CA ASP A 63 7.68 -19.15 -12.47
C ASP A 63 8.37 -20.53 -12.46
N ASN A 64 8.89 -20.96 -13.61
CA ASN A 64 9.52 -22.27 -13.73
C ASN A 64 10.90 -22.36 -13.10
N ASN A 65 11.45 -21.22 -12.69
CA ASN A 65 12.71 -21.16 -11.95
C ASN A 65 12.46 -21.10 -10.44
N GLY A 66 11.22 -21.37 -10.04
CA GLY A 66 10.80 -21.31 -8.64
C GLY A 66 10.65 -19.92 -8.02
N ARG A 67 10.75 -18.87 -8.81
CA ARG A 67 10.67 -17.50 -8.29
C ARG A 67 9.23 -16.98 -8.16
N ILE A 68 8.96 -16.26 -7.07
CA ILE A 68 7.64 -15.66 -6.84
C ILE A 68 7.32 -14.62 -7.93
N THR A 69 6.10 -14.68 -8.47
CA THR A 69 5.72 -13.74 -9.53
C THR A 69 4.44 -12.98 -9.21
N SER A 70 3.88 -13.21 -8.01
CA SER A 70 2.64 -12.59 -7.57
C SER A 70 2.62 -11.06 -7.72
N HIS A 71 3.76 -10.44 -7.43
CA HIS A 71 3.88 -8.98 -7.47
C HIS A 71 3.79 -8.44 -8.88
N LEU A 72 4.36 -9.17 -9.84
CA LEU A 72 4.31 -8.80 -11.24
C LEU A 72 2.93 -9.03 -11.85
N SER A 73 2.27 -10.11 -11.43
CA SER A 73 0.92 -10.41 -11.90
C SER A 73 -0.06 -9.33 -11.45
N GLY A 74 -0.04 -9.02 -10.16
CA GLY A 74 -0.81 -7.90 -9.63
C GLY A 74 -0.52 -6.59 -10.32
N LEU A 75 0.76 -6.25 -10.44
CA LEU A 75 1.13 -4.99 -11.04
C LEU A 75 0.62 -4.89 -12.49
N PHE A 76 0.76 -5.96 -13.24
CA PHE A 76 0.27 -5.99 -14.62
C PHE A 76 -1.25 -5.84 -14.70
N TYR A 77 -1.96 -6.79 -14.12
CA TYR A 77 -3.41 -6.85 -14.29
C TYR A 77 -4.16 -5.70 -13.60
N ARG A 78 -3.71 -5.32 -12.41
CA ARG A 78 -4.35 -4.23 -11.67
C ARG A 78 -4.12 -2.89 -12.35
N THR A 79 -2.90 -2.67 -12.86
CA THR A 79 -2.60 -1.41 -13.56
C THR A 79 -3.43 -1.28 -14.82
N ILE A 80 -3.58 -2.38 -15.56
CA ILE A 80 -4.48 -2.44 -16.72
C ILE A 80 -5.89 -2.02 -16.34
N ASN A 81 -6.41 -2.61 -15.26
CA ASN A 81 -7.78 -2.28 -14.79
C ASN A 81 -7.95 -0.82 -14.44
N ILE A 82 -6.93 -0.27 -13.80
CA ILE A 82 -6.93 1.12 -13.37
C ILE A 82 -6.99 2.04 -14.59
N VAL A 83 -6.14 1.76 -15.58
CA VAL A 83 -6.17 2.47 -16.86
C VAL A 83 -7.51 2.31 -17.61
N GLU A 84 -8.07 1.09 -17.60
CA GLU A 84 -9.38 0.82 -18.25
C GLU A 84 -10.51 1.60 -17.59
N ALA A 85 -10.34 1.92 -16.30
CA ALA A 85 -11.29 2.77 -15.59
C ALA A 85 -11.10 4.27 -15.88
N GLY A 86 -10.05 4.60 -16.65
CA GLY A 86 -9.78 6.00 -17.01
C GLY A 86 -8.86 6.74 -16.05
N ILE A 87 -8.36 6.03 -15.05
CA ILE A 87 -7.41 6.61 -14.09
C ILE A 87 -6.01 6.70 -14.74
N LYS A 88 -5.32 7.79 -14.46
CA LYS A 88 -3.95 7.96 -14.94
C LYS A 88 -2.99 7.65 -13.80
N PRO A 89 -2.47 6.41 -13.76
CA PRO A 89 -1.65 6.04 -12.61
C PRO A 89 -0.18 6.40 -12.78
N VAL A 90 0.45 6.75 -11.65
CA VAL A 90 1.89 6.91 -11.57
C VAL A 90 2.32 6.28 -10.25
N TYR A 91 3.38 5.47 -10.30
CA TYR A 91 3.88 4.83 -9.10
C TYR A 91 5.03 5.64 -8.52
N VAL A 92 5.25 5.52 -7.22
CA VAL A 92 6.39 6.17 -6.59
C VAL A 92 7.15 5.14 -5.77
N PHE A 93 8.47 5.07 -5.99
CA PHE A 93 9.29 4.09 -5.30
C PHE A 93 10.25 4.74 -4.31
N ASP A 94 10.42 4.06 -3.19
CA ASP A 94 11.17 4.52 -2.03
C ASP A 94 12.63 4.71 -2.42
N GLY A 95 13.31 5.63 -1.72
CA GLY A 95 14.74 5.86 -1.89
C GLY A 95 15.58 4.75 -1.32
N LYS A 96 15.00 3.92 -0.47
CA LYS A 96 15.72 2.80 0.15
C LYS A 96 15.20 1.46 -0.37
N PRO A 97 16.10 0.45 -0.45
CA PRO A 97 15.60 -0.88 -0.83
C PRO A 97 14.65 -1.43 0.23
N PRO A 98 13.72 -2.31 -0.17
CA PRO A 98 12.69 -2.79 0.75
C PRO A 98 13.30 -3.58 1.92
N GLU A 99 14.47 -4.18 1.70
CA GLU A 99 15.19 -4.88 2.78
C GLU A 99 15.60 -3.96 3.92
N LEU A 100 15.58 -2.65 3.68
CA LEU A 100 16.05 -1.70 4.67
C LEU A 100 14.94 -0.77 5.15
N LYS A 101 13.69 -1.19 4.94
CA LYS A 101 12.53 -0.43 5.40
C LYS A 101 12.10 -1.00 6.75
N ALA A 102 12.47 -0.30 7.82
CA ALA A 102 12.34 -0.87 9.16
C ALA A 102 10.90 -1.16 9.59
N ARG A 103 9.97 -0.26 9.29
CA ARG A 103 8.59 -0.49 9.66
C ARG A 103 7.97 -1.66 8.86
N GLU A 104 8.22 -1.70 7.55
CA GLU A 104 7.69 -2.81 6.74
C GLU A 104 8.18 -4.14 7.25
N ILE A 105 9.44 -4.19 7.68
CA ILE A 105 10.02 -5.45 8.16
C ILE A 105 9.40 -5.85 9.49
N GLU A 106 9.21 -4.87 10.37
CA GLU A 106 8.56 -5.11 11.66
C GLU A 106 7.10 -5.56 11.48
N ARG A 107 6.40 -4.93 10.51
CA ARG A 107 5.02 -5.30 10.20
C ARG A 107 4.95 -6.74 9.71
N ARG A 108 5.82 -7.08 8.76
CA ARG A 108 5.88 -8.47 8.25
C ARG A 108 6.12 -9.48 9.39
N LYS A 109 7.10 -9.22 10.24
CA LYS A 109 7.39 -10.09 11.38
C LYS A 109 6.17 -10.25 12.29
N ALA A 110 5.46 -9.16 12.59
CA ALA A 110 4.26 -9.21 13.42
C ALA A 110 3.13 -10.06 12.81
N VAL A 111 2.90 -9.88 11.51
CA VAL A 111 1.88 -10.66 10.79
C VAL A 111 2.21 -12.17 10.85
N LYS A 112 3.47 -12.50 10.57
CA LYS A 112 3.95 -13.90 10.61
C LYS A 112 3.79 -14.57 11.98
N GLU A 113 4.14 -13.85 13.04
CA GLU A 113 3.98 -14.33 14.41
C GLU A 113 2.52 -14.59 14.76
N GLU A 114 1.65 -13.65 14.36
CA GLU A 114 0.19 -13.80 14.54
C GLU A 114 -0.39 -14.98 13.75
N ALA A 115 -0.05 -15.06 12.47
CA ALA A 115 -0.45 -16.18 11.62
C ALA A 115 0.01 -17.56 12.17
N ALA A 116 1.24 -17.62 12.70
CA ALA A 116 1.79 -18.87 13.26
C ALA A 116 0.99 -19.36 14.45
N LYS A 117 0.62 -18.43 15.33
CA LYS A 117 -0.19 -18.72 16.51
C LYS A 117 -1.56 -19.25 16.08
N LYS A 118 -2.20 -18.55 15.13
CA LYS A 118 -3.50 -18.94 14.61
C LYS A 118 -3.49 -20.28 13.84
N TYR A 119 -2.41 -20.54 13.09
CA TYR A 119 -2.27 -21.82 12.39
C TYR A 119 -2.21 -22.98 13.38
N GLU A 120 -1.46 -22.77 14.46
CA GLU A 120 -1.28 -23.77 15.49
C GLU A 120 -2.63 -24.09 16.16
N GLU A 121 -3.39 -23.05 16.47
CA GLU A 121 -4.72 -23.21 17.08
C GLU A 121 -5.67 -23.98 16.16
N ALA A 122 -5.63 -23.65 14.88
CA ALA A 122 -6.45 -24.32 13.87
C ALA A 122 -6.11 -25.80 13.70
N VAL A 123 -4.82 -26.13 13.72
CA VAL A 123 -4.38 -27.51 13.63
C VAL A 123 -4.84 -28.30 14.87
N GLN A 124 -4.71 -27.67 16.02
CA GLN A 124 -5.09 -28.28 17.29
C GLN A 124 -6.61 -28.47 17.40
N SER A 125 -7.38 -27.55 16.82
CA SER A 125 -8.84 -27.64 16.84
C SER A 125 -9.39 -28.52 15.72
N GLY A 126 -8.56 -28.81 14.72
CA GLY A 126 -8.95 -29.66 13.59
C GLY A 126 -9.72 -28.95 12.50
N ASP A 127 -9.44 -27.66 12.33
CA ASP A 127 -10.13 -26.82 11.34
C ASP A 127 -9.27 -26.60 10.11
N LEU A 128 -9.48 -27.43 9.09
CA LEU A 128 -8.68 -27.41 7.87
C LEU A 128 -8.84 -26.11 7.06
N GLU A 129 -10.02 -25.51 7.12
CA GLU A 129 -10.28 -24.27 6.41
C GLU A 129 -9.48 -23.09 6.98
N LEU A 130 -9.46 -22.98 8.31
CA LEU A 130 -8.68 -21.94 8.98
C LEU A 130 -7.18 -22.18 8.83
N ALA A 131 -6.79 -23.45 8.93
CA ALA A 131 -5.40 -23.87 8.74
C ALA A 131 -4.85 -23.33 7.43
N ARG A 132 -5.58 -23.56 6.34
CA ARG A 132 -5.17 -23.11 5.00
C ARG A 132 -5.02 -21.59 4.92
N ARG A 133 -5.90 -20.87 5.62
CA ARG A 133 -5.88 -19.41 5.65
C ARG A 133 -4.66 -18.88 6.43
N TYR A 134 -4.43 -19.42 7.61
CA TYR A 134 -3.34 -18.95 8.47
C TYR A 134 -1.96 -19.47 8.04
N ALA A 135 -1.96 -20.47 7.17
CA ALA A 135 -0.73 -21.07 6.67
C ALA A 135 -0.07 -20.24 5.58
N MET A 136 -0.82 -19.34 4.97
CA MET A 136 -0.32 -18.55 3.83
C MET A 136 0.92 -17.77 4.22
N MET A 137 2.02 -18.02 3.52
CA MET A 137 3.29 -17.39 3.86
C MET A 137 3.33 -15.93 3.44
N SER A 138 3.96 -15.10 4.27
CA SER A 138 4.17 -13.70 3.96
C SER A 138 5.46 -13.57 3.16
N ALA A 139 5.32 -13.27 1.88
CA ALA A 139 6.47 -13.15 0.99
C ALA A 139 7.28 -11.88 1.31
N LYS A 140 8.60 -11.98 1.20
CA LYS A 140 9.48 -10.81 1.34
C LYS A 140 9.57 -10.06 0.02
N LEU A 141 9.44 -8.74 0.07
CA LEU A 141 9.73 -7.91 -1.10
C LEU A 141 11.23 -7.63 -1.15
N THR A 142 11.87 -8.01 -2.25
CA THR A 142 13.31 -7.79 -2.40
C THR A 142 13.60 -6.70 -3.43
N GLU A 143 14.83 -6.19 -3.40
CA GLU A 143 15.29 -5.19 -4.36
C GLU A 143 15.17 -5.68 -5.82
N GLU A 144 15.48 -6.96 -6.08
CA GLU A 144 15.31 -7.52 -7.43
C GLU A 144 13.85 -7.48 -7.90
N MET A 145 12.91 -7.77 -7.01
CA MET A 145 11.49 -7.69 -7.35
C MET A 145 11.06 -6.24 -7.65
N VAL A 146 11.64 -5.29 -6.91
CA VAL A 146 11.39 -3.86 -7.17
C VAL A 146 11.94 -3.47 -8.55
N ARG A 147 13.18 -3.89 -8.84
CA ARG A 147 13.78 -3.67 -10.15
C ARG A 147 12.88 -4.21 -11.27
N ASP A 148 12.41 -5.44 -11.13
CA ASP A 148 11.53 -6.04 -12.15
C ASP A 148 10.22 -5.28 -12.30
N ALA A 149 9.67 -4.81 -11.17
CA ALA A 149 8.44 -4.01 -11.18
C ALA A 149 8.64 -2.72 -11.97
N LYS A 150 9.77 -2.04 -11.74
CA LYS A 150 10.10 -0.84 -12.48
C LYS A 150 10.24 -1.14 -13.98
N SER A 151 10.94 -2.23 -14.32
CA SER A 151 11.08 -2.64 -15.72
C SER A 151 9.74 -2.93 -16.37
N LEU A 152 8.84 -3.58 -15.65
CA LEU A 152 7.51 -3.88 -16.18
C LEU A 152 6.71 -2.59 -16.48
N LEU A 153 6.72 -1.65 -15.54
CA LEU A 153 6.04 -0.38 -15.72
C LEU A 153 6.59 0.37 -16.93
N ASP A 154 7.93 0.41 -17.07
CA ASP A 154 8.57 0.98 -18.26
C ASP A 154 8.00 0.37 -19.55
N ALA A 155 7.96 -0.96 -19.60
CA ALA A 155 7.39 -1.67 -20.75
C ALA A 155 5.92 -1.31 -21.01
N MET A 156 5.17 -1.05 -19.95
CA MET A 156 3.74 -0.72 -20.04
C MET A 156 3.50 0.77 -20.37
N GLY A 157 4.55 1.59 -20.32
CA GLY A 157 4.42 3.02 -20.58
C GLY A 157 3.89 3.81 -19.40
N ILE A 158 3.97 3.20 -18.21
CA ILE A 158 3.46 3.79 -16.98
C ILE A 158 4.61 4.46 -16.21
N PRO A 159 4.46 5.76 -15.90
CA PRO A 159 5.51 6.50 -15.20
C PRO A 159 5.67 6.07 -13.76
N TRP A 160 6.89 6.18 -13.26
CA TRP A 160 7.15 6.02 -11.83
C TRP A 160 8.21 7.04 -11.41
N VAL A 161 8.14 7.43 -10.15
CA VAL A 161 8.98 8.49 -9.62
C VAL A 161 9.92 7.89 -8.58
N GLN A 162 11.20 8.23 -8.68
CA GLN A 162 12.19 7.85 -7.69
C GLN A 162 12.13 8.85 -6.53
N ALA A 163 11.59 8.42 -5.39
CA ALA A 163 11.59 9.25 -4.20
C ALA A 163 13.01 9.27 -3.62
N PRO A 164 13.44 10.43 -3.09
CA PRO A 164 14.73 10.46 -2.37
C PRO A 164 14.71 9.63 -1.09
N ALA A 165 13.56 9.57 -0.43
CA ALA A 165 13.42 8.85 0.84
C ALA A 165 12.09 8.11 0.86
N GLU A 166 11.23 8.33 1.86
CA GLU A 166 9.96 7.59 1.94
C GLU A 166 9.08 7.79 0.70
N GLY A 167 8.65 6.66 0.11
CA GLY A 167 7.73 6.65 -1.02
C GLY A 167 6.43 7.36 -0.67
N GLU A 168 5.91 7.09 0.53
CA GLU A 168 4.66 7.69 0.99
C GLU A 168 4.74 9.20 1.13
N ALA A 169 5.91 9.69 1.55
CA ALA A 169 6.17 11.15 1.67
C ALA A 169 6.21 11.85 0.31
N GLN A 170 6.90 11.22 -0.65
CA GLN A 170 6.95 11.73 -2.02
C GLN A 170 5.57 11.72 -2.66
N ALA A 171 4.80 10.66 -2.43
CA ALA A 171 3.41 10.59 -2.91
C ALA A 171 2.61 11.78 -2.38
N ALA A 172 2.66 12.01 -1.06
CA ALA A 172 1.99 13.16 -0.44
C ALA A 172 2.41 14.48 -1.07
N TYR A 173 3.72 14.63 -1.31
CA TYR A 173 4.25 15.86 -1.88
C TYR A 173 3.78 16.12 -3.32
N ILE A 174 3.72 15.07 -4.13
CA ILE A 174 3.17 15.17 -5.48
C ILE A 174 1.71 15.68 -5.46
N VAL A 175 0.91 15.18 -4.53
CA VAL A 175 -0.46 15.67 -4.38
C VAL A 175 -0.48 17.13 -3.90
N LYS A 176 0.38 17.46 -2.92
CA LYS A 176 0.52 18.85 -2.43
C LYS A 176 0.82 19.83 -3.56
N LYS A 177 1.67 19.41 -4.50
CA LYS A 177 2.08 20.25 -5.62
C LYS A 177 1.00 20.40 -6.71
N GLY A 178 -0.11 19.67 -6.56
CA GLY A 178 -1.16 19.66 -7.58
C GLY A 178 -0.81 18.81 -8.80
N ASP A 179 0.11 17.86 -8.61
CA ASP A 179 0.57 17.02 -9.71
C ASP A 179 -0.09 15.65 -9.73
N ALA A 180 -0.93 15.40 -8.73
CA ALA A 180 -1.80 14.23 -8.68
C ALA A 180 -3.00 14.60 -7.85
N TYR A 181 -4.10 13.88 -8.09
CA TYR A 181 -5.34 14.12 -7.37
C TYR A 181 -5.27 13.57 -5.94
N ALA A 182 -4.65 12.39 -5.79
CA ALA A 182 -4.60 11.72 -4.50
C ALA A 182 -3.45 10.72 -4.49
N SER A 183 -3.00 10.37 -3.30
CA SER A 183 -2.03 9.29 -3.11
C SER A 183 -2.85 8.02 -2.90
N ALA A 184 -2.24 6.87 -3.15
CA ALA A 184 -2.94 5.60 -3.01
C ALA A 184 -2.07 4.57 -2.32
N SER A 185 -2.63 3.96 -1.29
CA SER A 185 -1.92 2.99 -0.45
C SER A 185 -2.92 2.37 0.50
N GLN A 186 -2.58 1.24 1.11
CA GLN A 186 -3.38 0.68 2.20
C GLN A 186 -3.04 1.32 3.55
N ASP A 187 -1.83 1.83 3.70
CA ASP A 187 -1.53 2.52 4.94
C ASP A 187 -1.82 4.01 4.84
N TYR A 188 -1.70 4.69 5.96
CA TYR A 188 -2.14 6.06 6.09
C TYR A 188 -0.96 7.03 6.14
N ASP A 189 0.24 6.50 5.88
CA ASP A 189 1.49 7.26 6.00
C ASP A 189 1.47 8.55 5.21
N SER A 190 0.90 8.51 4.00
CA SER A 190 0.86 9.68 3.14
C SER A 190 0.07 10.86 3.74
N LEU A 191 -0.95 10.58 4.53
CA LEU A 191 -1.70 11.60 5.29
C LEU A 191 -0.83 12.25 6.35
N LEU A 192 -0.06 11.43 7.05
CA LEU A 192 0.86 11.93 8.08
C LEU A 192 1.90 12.85 7.46
N PHE A 193 2.31 12.52 6.23
CA PHE A 193 3.24 13.35 5.43
C PHE A 193 2.55 14.48 4.68
N GLY A 194 1.28 14.70 4.98
CA GLY A 194 0.57 15.89 4.52
C GLY A 194 -0.20 15.78 3.22
N SER A 195 -0.43 14.56 2.73
CA SER A 195 -1.19 14.40 1.49
C SER A 195 -2.62 14.90 1.70
N PRO A 196 -3.10 15.81 0.85
CA PRO A 196 -4.48 16.33 0.97
C PRO A 196 -5.52 15.22 0.82
N LYS A 197 -5.21 14.20 0.02
CA LYS A 197 -6.17 13.15 -0.31
C LYS A 197 -5.50 11.80 -0.42
N LEU A 198 -6.06 10.82 0.29
CA LEU A 198 -5.63 9.43 0.19
C LEU A 198 -6.77 8.56 -0.35
N VAL A 199 -6.47 7.76 -1.37
CA VAL A 199 -7.41 6.74 -1.80
C VAL A 199 -6.92 5.37 -1.32
N ARG A 200 -7.77 4.64 -0.61
CA ARG A 200 -7.46 3.29 -0.18
C ARG A 200 -8.20 2.25 -1.01
N ASN A 201 -7.67 1.02 -1.02
CA ASN A 201 -8.26 -0.16 -1.67
C ASN A 201 -8.11 -0.22 -3.19
N LEU A 202 -7.43 0.76 -3.77
CA LEU A 202 -7.28 0.82 -5.23
C LEU A 202 -6.54 -0.40 -5.79
N THR A 203 -5.62 -0.97 -5.01
CA THR A 203 -4.85 -2.11 -5.48
C THR A 203 -5.55 -3.45 -5.22
N ILE A 204 -6.66 -3.42 -4.48
CA ILE A 204 -7.33 -4.64 -4.06
C ILE A 204 -8.85 -4.64 -4.24
N SER A 205 -9.40 -3.62 -4.91
CA SER A 205 -10.86 -3.47 -5.04
C SER A 205 -11.48 -4.55 -5.91
N GLY A 206 -12.79 -4.75 -5.75
CA GLY A 206 -13.51 -5.78 -6.48
C GLY A 206 -14.16 -6.80 -5.56
N ARG A 207 -14.49 -7.95 -6.13
CA ARG A 207 -15.26 -8.97 -5.44
C ARG A 207 -14.41 -10.22 -5.18
N ARG A 208 -14.31 -10.61 -3.91
CA ARG A 208 -13.59 -11.83 -3.54
C ARG A 208 -14.54 -12.93 -3.08
N LYS A 209 -14.42 -14.10 -3.71
CA LYS A 209 -15.33 -15.24 -3.49
C LYS A 209 -15.11 -15.89 -2.12
N LEU A 210 -16.18 -15.96 -1.32
CA LEU A 210 -16.12 -16.57 0.01
C LEU A 210 -16.28 -18.11 -0.03
N PRO A 211 -16.45 -18.78 1.14
CA PRO A 211 -16.56 -20.25 1.14
C PRO A 211 -17.76 -20.84 0.35
N ARG A 212 -18.99 -20.47 0.73
CA ARG A 212 -20.20 -21.06 0.11
C ARG A 212 -20.44 -20.58 -1.33
N LYS A 213 -21.30 -21.31 -2.03
CA LYS A 213 -21.53 -21.20 -3.49
C LYS A 213 -21.52 -19.78 -4.11
N ASN A 214 -22.48 -18.92 -3.72
CA ASN A 214 -22.64 -17.61 -4.34
C ASN A 214 -22.38 -16.41 -3.41
N GLU A 215 -21.41 -16.58 -2.51
CA GLU A 215 -21.07 -15.58 -1.50
C GLU A 215 -19.88 -14.72 -1.95
N TYR A 216 -19.93 -13.42 -1.64
CA TYR A 216 -18.87 -12.49 -1.99
C TYR A 216 -18.64 -11.41 -0.92
N VAL A 217 -17.38 -10.98 -0.79
CA VAL A 217 -17.04 -9.76 -0.06
C VAL A 217 -16.67 -8.65 -1.05
N GLU A 218 -17.34 -7.51 -0.91
CA GLU A 218 -17.15 -6.36 -1.79
C GLU A 218 -16.18 -5.39 -1.14
N VAL A 219 -14.99 -5.24 -1.74
CA VAL A 219 -14.04 -4.22 -1.32
C VAL A 219 -14.11 -3.07 -2.33
N LYS A 220 -14.43 -1.88 -1.83
CA LYS A 220 -14.55 -0.69 -2.67
C LYS A 220 -13.47 0.34 -2.33
N PRO A 221 -13.03 1.12 -3.34
CA PRO A 221 -12.06 2.17 -3.01
C PRO A 221 -12.71 3.24 -2.13
N GLU A 222 -11.90 3.92 -1.33
CA GLU A 222 -12.40 4.99 -0.46
C GLU A 222 -11.46 6.19 -0.46
N LEU A 223 -12.05 7.39 -0.45
CA LEU A 223 -11.32 8.64 -0.42
C LEU A 223 -11.30 9.18 1.01
N ILE A 224 -10.11 9.53 1.50
CA ILE A 224 -9.99 10.20 2.78
C ILE A 224 -9.29 11.53 2.57
N GLU A 225 -9.95 12.61 3.00
CA GLU A 225 -9.36 13.93 2.88
C GLU A 225 -8.75 14.36 4.20
N LEU A 226 -7.52 14.85 4.15
CA LEU A 226 -6.74 15.18 5.36
C LEU A 226 -7.40 16.22 6.25
N ASP A 227 -7.58 17.43 5.73
CA ASP A 227 -8.05 18.52 6.59
C ASP A 227 -9.44 18.17 7.19
N LYS A 228 -10.26 17.48 6.40
CA LYS A 228 -11.55 16.94 6.87
C LYS A 228 -11.41 15.91 8.00
N LEU A 229 -10.47 14.98 7.83
CA LEU A 229 -10.12 14.02 8.88
C LEU A 229 -9.70 14.71 10.18
N LEU A 230 -8.85 15.71 10.06
CA LEU A 230 -8.32 16.40 11.22
C LEU A 230 -9.44 17.12 11.99
N VAL A 231 -10.32 17.80 11.25
CA VAL A 231 -11.47 18.51 11.84
C VAL A 231 -12.41 17.54 12.56
N GLN A 232 -12.82 16.47 11.87
CA GLN A 232 -13.74 15.48 12.44
C GLN A 232 -13.18 14.83 13.70
N LEU A 233 -11.88 14.53 13.67
CA LEU A 233 -11.21 13.95 14.85
C LEU A 233 -10.93 14.99 15.93
N GLY A 234 -11.01 16.27 15.57
CA GLY A 234 -10.72 17.36 16.50
C GLY A 234 -9.26 17.43 16.89
N ILE A 235 -8.37 17.12 15.94
CA ILE A 235 -6.92 17.08 16.18
C ILE A 235 -6.15 17.92 15.14
N THR A 236 -4.94 18.32 15.50
CA THR A 236 -4.04 19.02 14.58
C THR A 236 -3.26 17.98 13.78
N LEU A 237 -2.58 18.43 12.73
CA LEU A 237 -1.70 17.55 11.97
C LEU A 237 -0.58 17.00 12.87
N GLU A 238 -0.01 17.84 13.74
CA GLU A 238 1.00 17.35 14.69
C GLU A 238 0.44 16.23 15.58
N ASN A 239 -0.79 16.38 16.05
CA ASN A 239 -1.48 15.31 16.79
C ASN A 239 -1.57 14.02 15.97
N LEU A 240 -1.94 14.15 14.69
CA LEU A 240 -2.05 12.97 13.82
C LEU A 240 -0.70 12.27 13.65
N ILE A 241 0.33 13.06 13.40
CA ILE A 241 1.69 12.52 13.31
C ILE A 241 2.06 11.80 14.62
N ASP A 242 1.73 12.41 15.76
CA ASP A 242 2.05 11.81 17.04
C ASP A 242 1.34 10.47 17.23
N ILE A 243 0.11 10.36 16.75
CA ILE A 243 -0.60 9.08 16.77
C ILE A 243 0.23 8.02 16.02
N GLY A 244 0.75 8.40 14.86
CA GLY A 244 1.58 7.49 14.06
C GLY A 244 2.84 7.05 14.80
N ILE A 245 3.48 7.99 15.49
CA ILE A 245 4.70 7.74 16.26
C ILE A 245 4.43 6.74 17.40
N LEU A 246 3.27 6.88 18.04
CA LEU A 246 2.90 5.95 19.11
C LEU A 246 2.69 4.55 18.57
N LEU A 247 2.19 4.47 17.35
CA LEU A 247 1.96 3.20 16.69
C LEU A 247 3.25 2.59 16.13
N GLY A 248 4.16 3.45 15.67
CA GLY A 248 5.46 3.01 15.19
C GLY A 248 5.76 3.40 13.75
N THR A 249 6.91 4.04 13.53
CA THR A 249 7.35 4.49 12.21
C THR A 249 8.68 3.82 11.86
N ASP A 250 9.22 4.12 10.67
CA ASP A 250 10.57 3.65 10.33
C ASP A 250 11.61 4.04 11.38
N TYR A 251 11.37 5.15 12.07
CA TYR A 251 12.34 5.67 13.05
C TYR A 251 12.14 5.08 14.46
N ASN A 252 11.08 4.29 14.63
CA ASN A 252 10.78 3.61 15.90
C ASN A 252 9.78 2.48 15.58
N PRO A 253 10.25 1.43 14.87
CA PRO A 253 9.36 0.44 14.23
C PRO A 253 8.42 -0.34 15.16
N ASP A 254 8.81 -0.50 16.43
CA ASP A 254 7.96 -1.21 17.38
C ASP A 254 6.89 -0.35 18.04
N GLY A 255 6.97 0.96 17.86
CA GLY A 255 6.08 1.90 18.56
C GLY A 255 6.18 1.75 20.07
N PHE A 256 5.06 1.96 20.75
CA PHE A 256 5.03 1.84 22.21
C PHE A 256 4.12 0.69 22.64
N GLU A 257 4.59 -0.09 23.61
CA GLU A 257 3.96 -1.37 23.97
C GLU A 257 2.51 -1.23 24.41
N GLY A 258 1.65 -2.07 23.83
CA GLY A 258 0.25 -2.13 24.22
C GLY A 258 -0.62 -1.01 23.66
N ILE A 259 -0.05 -0.15 22.82
CA ILE A 259 -0.83 1.00 22.33
C ILE A 259 -1.33 0.81 20.90
N GLY A 260 -2.64 0.61 20.76
CA GLY A 260 -3.29 0.55 19.46
C GLY A 260 -3.89 1.90 19.04
N PRO A 261 -4.47 1.96 17.83
CA PRO A 261 -4.94 3.22 17.24
C PRO A 261 -5.95 4.03 18.08
N LYS A 262 -6.96 3.37 18.66
CA LYS A 262 -7.96 4.08 19.48
C LYS A 262 -7.32 4.68 20.72
N LYS A 263 -6.43 3.91 21.35
CA LYS A 263 -5.75 4.36 22.57
C LYS A 263 -4.79 5.51 22.27
N ALA A 264 -4.01 5.37 21.20
CA ALA A 264 -3.10 6.43 20.76
C ALA A 264 -3.87 7.73 20.55
N LEU A 265 -5.03 7.66 19.90
CA LEU A 265 -5.84 8.85 19.62
C LEU A 265 -6.33 9.49 20.92
N GLN A 266 -6.78 8.64 21.84
CA GLN A 266 -7.26 9.07 23.15
C GLN A 266 -6.13 9.78 23.90
N LEU A 267 -4.94 9.18 23.90
CA LEU A 267 -3.80 9.72 24.65
C LEU A 267 -3.29 11.09 24.16
N VAL A 268 -3.15 11.20 22.84
CA VAL A 268 -2.66 12.42 22.24
C VAL A 268 -3.64 13.57 22.51
N LYS A 269 -4.94 13.28 22.43
CA LYS A 269 -5.96 14.28 22.75
C LYS A 269 -5.96 14.69 24.23
N ALA A 270 -5.76 13.73 25.13
CA ALA A 270 -5.82 13.99 26.56
C ALA A 270 -4.63 14.80 27.07
N TYR A 271 -3.49 14.61 26.43
CA TYR A 271 -2.25 15.25 26.87
C TYR A 271 -1.68 16.28 25.89
N GLY A 272 -2.39 16.51 24.80
CA GLY A 272 -2.00 17.51 23.80
C GLY A 272 -0.69 17.18 23.10
N GLY A 273 -0.45 15.89 22.87
CA GLY A 273 0.80 15.45 22.24
C GLY A 273 1.38 14.26 22.97
N ILE A 274 2.67 14.02 22.77
CA ILE A 274 3.33 12.88 23.38
C ILE A 274 4.10 13.24 24.64
N GLU A 275 4.77 14.39 24.63
CA GLU A 275 5.75 14.70 25.69
C GLU A 275 5.16 14.83 27.10
N LYS A 276 3.87 15.15 27.18
CA LYS A 276 3.15 15.29 28.45
C LYS A 276 2.45 14.01 28.92
N ILE A 277 2.31 13.01 28.03
CA ILE A 277 1.74 11.71 28.41
C ILE A 277 2.55 11.19 29.61
N PRO A 278 1.86 10.80 30.70
CA PRO A 278 2.64 10.37 31.86
C PRO A 278 3.57 9.23 31.45
N LYS A 279 4.84 9.34 31.88
CA LYS A 279 5.90 8.42 31.47
C LYS A 279 5.59 6.92 31.61
N PRO A 280 4.92 6.50 32.72
CA PRO A 280 4.63 5.07 32.90
C PRO A 280 3.75 4.45 31.79
N ILE A 281 2.96 5.30 31.13
CA ILE A 281 2.04 4.85 30.07
C ILE A 281 2.82 4.40 28.82
N LEU A 282 3.96 5.03 28.56
CA LEU A 282 4.73 4.79 27.36
C LEU A 282 5.94 3.90 27.64
N LYS A 283 5.90 2.69 27.11
CA LYS A 283 6.97 1.71 27.28
C LYS A 283 7.58 1.40 25.92
N SER A 284 8.88 1.65 25.78
CA SER A 284 9.59 1.44 24.53
C SER A 284 10.87 0.64 24.78
N PRO A 285 11.22 -0.31 23.87
CA PRO A 285 12.49 -1.03 24.04
C PRO A 285 13.66 -0.05 24.07
N ILE A 286 13.77 0.79 23.02
CA ILE A 286 14.80 1.84 22.97
C ILE A 286 14.21 3.25 23.12
N GLU A 287 15.01 4.17 23.65
CA GLU A 287 14.67 5.60 23.72
C GLU A 287 14.53 6.17 22.30
N VAL A 288 13.52 7.04 22.13
CA VAL A 288 13.10 7.52 20.82
C VAL A 288 13.03 9.05 20.85
N ASP A 289 13.57 9.73 19.84
CA ASP A 289 13.49 11.19 19.76
C ASP A 289 12.20 11.56 19.05
N VAL A 290 11.09 11.54 19.80
CA VAL A 290 9.76 11.70 19.19
C VAL A 290 9.52 13.07 18.58
N ILE A 291 10.18 14.10 19.13
CA ILE A 291 10.02 15.45 18.59
C ILE A 291 10.71 15.57 17.22
N ALA A 292 11.91 15.03 17.12
CA ALA A 292 12.62 15.04 15.84
C ALA A 292 11.87 14.25 14.76
N ILE A 293 11.27 13.12 15.15
CA ILE A 293 10.49 12.31 14.20
C ILE A 293 9.27 13.10 13.71
N LYS A 294 8.54 13.73 14.63
CA LYS A 294 7.42 14.60 14.27
C LYS A 294 7.84 15.70 13.29
N LYS A 295 8.91 16.43 13.64
CA LYS A 295 9.38 17.51 12.77
C LYS A 295 9.81 17.01 11.40
N TYR A 296 10.35 15.79 11.35
CA TYR A 296 10.68 15.19 10.06
C TYR A 296 9.41 14.93 9.24
N PHE A 297 8.40 14.30 9.86
CA PHE A 297 7.12 14.09 9.17
C PHE A 297 6.52 15.39 8.63
N LEU A 298 6.70 16.48 9.36
CA LEU A 298 6.24 17.80 8.90
C LEU A 298 7.02 18.30 7.70
N GLN A 299 8.31 17.99 7.61
CA GLN A 299 9.14 18.44 6.49
C GLN A 299 10.04 17.32 6.01
N PRO A 300 9.44 16.31 5.34
CA PRO A 300 10.20 15.12 4.95
C PRO A 300 11.09 15.39 3.74
N GLN A 301 12.03 14.49 3.49
CA GLN A 301 12.88 14.62 2.32
C GLN A 301 12.09 14.17 1.09
N VAL A 302 11.78 15.13 0.23
CA VAL A 302 10.97 14.94 -0.98
C VAL A 302 11.61 15.77 -2.10
N THR A 303 11.22 15.55 -3.35
CA THR A 303 11.88 16.24 -4.46
C THR A 303 10.91 16.87 -5.45
N ASP A 304 11.37 17.95 -6.07
CA ASP A 304 10.69 18.57 -7.21
C ASP A 304 11.17 17.98 -8.52
N ASN A 305 12.17 17.10 -8.44
CA ASN A 305 12.84 16.56 -9.61
C ASN A 305 12.12 15.32 -10.14
N TYR A 306 10.95 15.55 -10.74
CA TYR A 306 10.17 14.50 -11.37
C TYR A 306 9.36 15.13 -12.49
N ARG A 307 8.99 14.32 -13.47
CA ARG A 307 8.11 14.78 -14.54
C ARG A 307 7.26 13.61 -15.02
N ILE A 308 6.00 13.62 -14.62
CA ILE A 308 5.07 12.51 -14.85
C ILE A 308 4.52 12.50 -16.27
N GLU A 309 5.00 11.54 -17.06
CA GLU A 309 4.56 11.38 -18.45
C GLU A 309 4.24 9.92 -18.75
N TRP A 310 3.22 9.71 -19.57
CA TRP A 310 2.84 8.38 -20.02
C TRP A 310 3.35 8.14 -21.44
N HIS A 311 3.93 6.97 -21.69
CA HIS A 311 4.48 6.62 -23.00
C HIS A 311 3.76 5.44 -23.61
N THR A 312 3.87 5.32 -24.94
CA THR A 312 3.26 4.22 -25.68
C THR A 312 3.70 2.88 -25.08
N PRO A 313 2.73 2.02 -24.72
CA PRO A 313 3.11 0.69 -24.25
C PRO A 313 3.96 -0.06 -25.28
N ASP A 314 4.86 -0.91 -24.79
CA ASP A 314 5.71 -1.75 -25.63
C ASP A 314 5.30 -3.22 -25.41
N PRO A 315 4.35 -3.72 -26.21
CA PRO A 315 3.80 -5.07 -25.97
C PRO A 315 4.85 -6.17 -25.96
N ASP A 316 5.79 -6.14 -26.90
CA ASP A 316 6.80 -7.18 -26.93
C ASP A 316 7.65 -7.20 -25.66
N ALA A 317 8.01 -6.01 -25.17
CA ALA A 317 8.81 -5.91 -23.94
C ALA A 317 8.04 -6.45 -22.75
N VAL A 318 6.74 -6.18 -22.70
CA VAL A 318 5.88 -6.78 -21.67
C VAL A 318 5.89 -8.31 -21.79
N LYS A 319 5.70 -8.81 -23.01
CA LYS A 319 5.74 -10.26 -23.25
C LYS A 319 7.06 -10.89 -22.80
N ARG A 320 8.18 -10.26 -23.17
CA ARG A 320 9.50 -10.76 -22.78
C ARG A 320 9.61 -10.91 -21.25
N ILE A 321 9.25 -9.86 -20.51
CA ILE A 321 9.28 -9.90 -19.06
C ILE A 321 8.34 -10.99 -18.48
N LEU A 322 7.05 -10.92 -18.81
CA LEU A 322 6.07 -11.82 -18.20
C LEU A 322 6.10 -13.25 -18.73
N VAL A 323 5.99 -13.39 -20.05
CA VAL A 323 5.93 -14.72 -20.65
C VAL A 323 7.31 -15.40 -20.67
N ASP A 324 8.29 -14.79 -21.31
CA ASP A 324 9.59 -15.45 -21.52
C ASP A 324 10.39 -15.62 -20.22
N GLU A 325 10.50 -14.55 -19.45
CA GLU A 325 11.30 -14.57 -18.24
C GLU A 325 10.57 -15.14 -17.01
N HIS A 326 9.24 -15.03 -17.00
CA HIS A 326 8.48 -15.43 -15.80
C HIS A 326 7.32 -16.40 -16.04
N ASP A 327 7.27 -16.95 -17.25
CA ASP A 327 6.40 -18.09 -17.58
C ASP A 327 4.90 -17.83 -17.43
N PHE A 328 4.48 -16.57 -17.57
CA PHE A 328 3.06 -16.23 -17.63
C PHE A 328 2.47 -16.80 -18.91
N SER A 329 1.16 -17.02 -18.91
CA SER A 329 0.49 -17.55 -20.09
C SER A 329 0.49 -16.55 -21.25
N ILE A 330 0.97 -16.99 -22.41
CA ILE A 330 1.02 -16.13 -23.60
C ILE A 330 -0.38 -15.68 -24.05
N ASP A 331 -1.36 -16.56 -23.94
CA ASP A 331 -2.75 -16.24 -24.26
C ASP A 331 -3.28 -15.13 -23.34
N ARG A 332 -3.14 -15.34 -22.05
CA ARG A 332 -3.65 -14.39 -21.06
C ARG A 332 -2.95 -13.03 -21.19
N VAL A 333 -1.63 -13.05 -21.36
CA VAL A 333 -0.88 -11.80 -21.49
C VAL A 333 -1.22 -11.06 -22.79
N SER A 334 -1.26 -11.80 -23.90
CA SER A 334 -1.60 -11.19 -25.21
C SER A 334 -3.00 -10.58 -25.24
N THR A 335 -4.00 -11.32 -24.75
CA THR A 335 -5.38 -10.83 -24.64
C THR A 335 -5.44 -9.55 -23.80
N ALA A 336 -4.80 -9.56 -22.63
CA ALA A 336 -4.78 -8.37 -21.77
C ALA A 336 -4.10 -7.18 -22.46
N LEU A 337 -2.97 -7.43 -23.14
CA LEU A 337 -2.28 -6.37 -23.88
C LEU A 337 -3.15 -5.76 -24.99
N GLU A 338 -3.87 -6.60 -25.74
CA GLU A 338 -4.82 -6.14 -26.74
C GLU A 338 -5.78 -5.10 -26.14
N ARG A 339 -6.40 -5.47 -25.02
CA ARG A 339 -7.32 -4.57 -24.34
C ARG A 339 -6.61 -3.34 -23.76
N TYR A 340 -5.43 -3.56 -23.18
CA TYR A 340 -4.69 -2.49 -22.55
C TYR A 340 -4.26 -1.40 -23.53
N VAL A 341 -3.74 -1.78 -24.69
CA VAL A 341 -3.30 -0.79 -25.67
C VAL A 341 -4.46 0.09 -26.17
N LYS A 342 -5.62 -0.54 -26.36
CA LYS A 342 -6.82 0.20 -26.77
C LYS A 342 -7.25 1.20 -25.70
N ALA A 343 -7.34 0.72 -24.45
CA ALA A 343 -7.74 1.59 -23.35
C ALA A 343 -6.72 2.70 -23.10
N PHE A 344 -5.43 2.41 -23.30
CA PHE A 344 -4.36 3.40 -23.16
C PHE A 344 -4.53 4.54 -24.15
N LYS A 345 -4.75 4.18 -25.41
CA LYS A 345 -4.97 5.12 -26.50
C LYS A 345 -6.19 6.02 -26.23
N GLU A 346 -7.26 5.43 -25.71
CA GLU A 346 -8.52 6.14 -25.45
C GLU A 346 -8.49 7.01 -24.20
N ASN A 347 -7.93 6.47 -23.11
CA ASN A 347 -8.01 7.11 -21.78
C ASN A 347 -6.82 7.99 -21.42
N ILE A 348 -5.66 7.70 -21.99
CA ILE A 348 -4.44 8.45 -21.67
C ILE A 348 -4.02 9.36 -22.84
N ARG A 349 -4.13 8.83 -24.06
CA ARG A 349 -4.13 9.65 -25.31
C ARG A 349 -3.47 8.91 -26.47
P PO4 B . 5.14 1.85 2.52
O1 PO4 B . 5.14 0.36 2.80
O2 PO4 B . 5.96 2.55 3.59
O3 PO4 B . 5.77 2.16 1.19
O4 PO4 B . 3.70 2.32 2.60
P PO4 C . -7.16 -0.17 19.55
O1 PO4 C . -6.16 -1.27 19.24
O2 PO4 C . -6.60 0.71 20.64
O3 PO4 C . -7.45 0.61 18.30
O4 PO4 C . -8.45 -0.80 20.04
P PO4 D . 5.19 16.33 21.18
O1 PO4 D . 6.07 15.10 21.18
O2 PO4 D . 6.05 17.55 21.12
O3 PO4 D . 4.29 16.32 19.98
O4 PO4 D . 4.38 16.29 22.45
#